data_5G1E
#
_entry.id   5G1E
#
_cell.length_a   52.740
_cell.length_b   63.318
_cell.length_c   103.620
_cell.angle_alpha   90.00
_cell.angle_beta   90.00
_cell.angle_gamma   90.00
#
_symmetry.space_group_name_H-M   'P 21 21 21'
#
loop_
_entity.id
_entity.type
_entity.pdbx_description
1 polymer SYNTENIN-1
2 water water
#
_entity_poly.entity_id   1
_entity_poly.type   'polypeptide(L)'
_entity_poly.pdbx_seq_one_letter_code
;GSAMADIGAEIKQGIREVILCKDQDGKIGLRLKSVDNGIFVQLVQANSPASLVGLRFGDQVLQINGENCAGWSSDKAHKV
LKQAFGEKITMTIRDRPFERTVTMHKDSSGHVGFIFKSGKITSIVKDSSAARNGLLTDHHICEINGQNVIGLKDAQIADI
LSTAGTVVTITIMPAFIFEHIIKRMAPSIMKSLMDHTIPEV
;
_entity_poly.pdbx_strand_id   A,B
#
# COMPACT_ATOMS: atom_id res chain seq x y z
N GLY A 14 -12.71 3.00 -5.86
CA GLY A 14 -12.06 2.37 -4.67
C GLY A 14 -12.79 2.67 -3.35
N ILE A 15 -13.97 3.26 -3.44
CA ILE A 15 -14.61 3.81 -2.29
C ILE A 15 -16.03 3.31 -2.17
N ARG A 16 -16.53 3.10 -0.97
CA ARG A 16 -17.89 2.63 -0.81
C ARG A 16 -18.47 3.16 0.47
N GLU A 17 -19.79 3.09 0.54
CA GLU A 17 -20.52 3.51 1.72
C GLU A 17 -20.96 2.29 2.48
N VAL A 18 -20.92 2.37 3.82
CA VAL A 18 -21.50 1.41 4.69
C VAL A 18 -22.52 2.15 5.56
N ILE A 19 -23.63 1.50 5.86
CA ILE A 19 -24.63 2.01 6.79
C ILE A 19 -24.66 1.17 8.05
N LEU A 20 -24.21 1.72 9.17
CA LEU A 20 -24.14 0.95 10.41
C LEU A 20 -25.38 1.19 11.25
N CYS A 21 -25.89 0.18 11.81
CA CYS A 21 -27.10 0.25 12.64
C CYS A 21 -26.68 0.08 14.09
N LYS A 22 -26.68 0.86 15.01
CA LYS A 22 -26.26 0.67 16.37
C LYS A 22 -26.90 -0.54 16.93
N ASP A 23 -26.18 -1.29 17.74
CA ASP A 23 -26.81 -2.43 18.46
C ASP A 23 -27.72 -1.93 19.62
N GLN A 24 -28.36 -2.84 20.32
CA GLN A 24 -29.31 -2.43 21.34
C GLN A 24 -28.65 -1.62 22.47
N ASP A 25 -27.34 -1.75 22.67
CA ASP A 25 -26.65 -1.01 23.69
C ASP A 25 -26.13 0.33 23.18
N GLY A 26 -26.43 0.62 21.91
CA GLY A 26 -26.02 1.85 21.28
C GLY A 26 -24.62 1.76 20.68
N LYS A 27 -24.02 0.56 20.59
CA LYS A 27 -22.63 0.48 20.10
C LYS A 27 -22.54 -0.03 18.66
N ILE A 28 -21.35 0.12 18.06
CA ILE A 28 -21.11 -0.34 16.69
C ILE A 28 -19.87 -1.24 16.57
N GLY A 29 -19.05 -1.27 17.62
CA GLY A 29 -17.97 -2.24 17.74
C GLY A 29 -16.69 -1.80 17.00
N LEU A 30 -16.36 -0.52 17.13
CA LEU A 30 -15.31 0.07 16.36
C LEU A 30 -14.37 0.85 17.23
N ARG A 31 -13.10 0.83 16.86
CA ARG A 31 -12.13 1.81 17.37
C ARG A 31 -11.35 2.36 16.17
N LEU A 32 -11.22 3.70 16.14
CA LEU A 32 -10.60 4.43 15.04
C LEU A 32 -9.32 5.10 15.48
N LYS A 33 -8.45 5.41 14.51
CA LYS A 33 -7.14 5.95 14.81
C LYS A 33 -6.71 6.96 13.71
N SER A 34 -6.27 8.11 14.16
CA SER A 34 -5.76 9.15 13.29
C SER A 34 -4.33 8.86 12.80
N VAL A 35 -4.15 8.83 11.48
CA VAL A 35 -2.84 8.55 10.93
C VAL A 35 -2.64 9.44 9.72
N ASP A 36 -1.55 10.21 9.72
CA ASP A 36 -1.26 11.09 8.59
C ASP A 36 -2.45 11.93 8.11
N ASN A 37 -3.22 12.46 9.08
CA ASN A 37 -4.34 13.33 8.81
C ASN A 37 -5.56 12.64 8.22
N GLY A 38 -5.56 11.32 8.30
CA GLY A 38 -6.75 10.54 7.96
C GLY A 38 -7.22 9.76 9.19
N ILE A 39 -8.29 8.99 9.00
CA ILE A 39 -8.84 8.21 10.06
C ILE A 39 -8.91 6.75 9.58
N PHE A 40 -8.42 5.81 10.40
CA PHE A 40 -8.35 4.42 10.06
C PHE A 40 -8.95 3.51 11.12
N VAL A 41 -9.47 2.38 10.68
CA VAL A 41 -10.04 1.37 11.58
C VAL A 41 -8.91 0.68 12.32
N GLN A 42 -8.90 0.82 13.64
CA GLN A 42 -7.91 0.16 14.46
C GLN A 42 -8.39 -1.18 15.07
N LEU A 43 -9.68 -1.31 15.29
CA LEU A 43 -10.29 -2.53 15.85
C LEU A 43 -11.72 -2.68 15.40
N VAL A 44 -12.07 -3.92 15.01
CA VAL A 44 -13.44 -4.26 14.66
C VAL A 44 -13.81 -5.45 15.56
N GLN A 45 -14.78 -5.22 16.39
CA GLN A 45 -15.33 -6.23 17.23
C GLN A 45 -16.01 -7.34 16.44
N ALA A 46 -15.72 -8.58 16.76
CA ALA A 46 -16.46 -9.66 16.09
C ALA A 46 -18.00 -9.60 16.36
N ASN A 47 -18.78 -9.94 15.35
CA ASN A 47 -20.24 -10.05 15.45
C ASN A 47 -20.86 -8.75 15.83
N SER A 48 -20.31 -7.65 15.34
CA SER A 48 -20.76 -6.30 15.70
C SER A 48 -21.38 -5.70 14.48
N PRO A 49 -22.07 -4.56 14.63
CA PRO A 49 -22.57 -3.81 13.49
C PRO A 49 -21.46 -3.45 12.52
N ALA A 50 -20.31 -3.11 13.06
CA ALA A 50 -19.15 -2.91 12.19
C ALA A 50 -18.70 -4.20 11.43
N SER A 51 -18.59 -5.34 12.12
CA SER A 51 -18.12 -6.55 11.41
C SER A 51 -19.13 -6.98 10.36
N LEU A 52 -20.41 -6.77 10.66
CA LEU A 52 -21.53 -7.14 9.77
C LEU A 52 -21.53 -6.43 8.42
N VAL A 53 -21.07 -5.18 8.38
CA VAL A 53 -21.00 -4.40 7.16
C VAL A 53 -19.62 -4.48 6.46
N GLY A 54 -18.75 -5.35 6.95
CA GLY A 54 -17.51 -5.64 6.27
C GLY A 54 -16.36 -4.69 6.56
N LEU A 55 -16.45 -3.93 7.65
CA LEU A 55 -15.31 -3.08 8.05
C LEU A 55 -14.18 -3.96 8.57
N ARG A 56 -12.97 -3.62 8.17
CA ARG A 56 -11.77 -4.34 8.61
C ARG A 56 -10.68 -3.43 9.12
N PHE A 57 -9.81 -3.98 9.94
CA PHE A 57 -8.57 -3.32 10.40
C PHE A 57 -7.89 -2.69 9.24
N GLY A 58 -7.54 -1.40 9.39
CA GLY A 58 -6.82 -0.70 8.30
C GLY A 58 -7.67 -0.02 7.24
N ASP A 59 -8.98 -0.28 7.22
CA ASP A 59 -9.92 0.51 6.36
C ASP A 59 -9.78 2.00 6.73
N GLN A 60 -9.91 2.83 5.74
CA GLN A 60 -9.89 4.24 5.87
C GLN A 60 -11.25 4.81 5.90
N VAL A 61 -11.56 5.60 6.90
CA VAL A 61 -12.87 6.28 6.99
C VAL A 61 -12.75 7.70 6.45
N LEU A 62 -13.31 7.97 5.28
CA LEU A 62 -13.22 9.30 4.67
C LEU A 62 -14.31 10.27 5.19
N GLN A 63 -15.49 9.74 5.47
CA GLN A 63 -16.61 10.51 5.95
C GLN A 63 -17.44 9.78 6.95
N ILE A 64 -17.92 10.51 7.98
CA ILE A 64 -18.90 10.00 8.92
C ILE A 64 -20.10 10.91 8.83
N ASN A 65 -21.26 10.31 8.54
CA ASN A 65 -22.50 11.09 8.37
C ASN A 65 -22.34 12.27 7.46
N GLY A 66 -21.69 12.01 6.33
CA GLY A 66 -21.48 13.05 5.36
C GLY A 66 -20.38 14.05 5.67
N GLU A 67 -19.65 13.91 6.77
CA GLU A 67 -18.65 14.91 7.13
C GLU A 67 -17.23 14.31 6.98
N ASN A 68 -16.29 15.07 6.45
CA ASN A 68 -14.95 14.66 6.15
C ASN A 68 -14.22 14.42 7.44
N CYS A 69 -13.49 13.31 7.52
CA CYS A 69 -12.69 12.99 8.74
C CYS A 69 -11.32 13.61 8.69
N ALA A 70 -10.95 14.21 7.55
CA ALA A 70 -9.64 14.72 7.31
C ALA A 70 -9.17 15.60 8.49
N GLY A 71 -8.02 15.23 9.07
CA GLY A 71 -7.40 16.05 10.11
C GLY A 71 -8.00 15.76 11.48
N TRP A 72 -9.08 14.96 11.57
CA TRP A 72 -9.64 14.68 12.90
C TRP A 72 -8.67 13.89 13.77
N SER A 73 -8.68 14.13 15.08
CA SER A 73 -7.93 13.30 16.03
C SER A 73 -8.73 12.05 16.34
N SER A 74 -8.08 11.01 16.87
CA SER A 74 -8.83 9.81 17.31
C SER A 74 -9.94 10.20 18.26
N ASP A 75 -9.62 11.04 19.25
CA ASP A 75 -10.64 11.50 20.22
C ASP A 75 -11.83 12.15 19.54
N LYS A 76 -11.60 12.92 18.51
CA LYS A 76 -12.71 13.60 17.87
C LYS A 76 -13.59 12.60 17.12
N ALA A 77 -12.97 11.67 16.38
CA ALA A 77 -13.74 10.70 15.61
C ALA A 77 -14.63 9.89 16.58
N HIS A 78 -14.07 9.46 17.68
CA HIS A 78 -14.87 8.75 18.69
C HIS A 78 -16.01 9.59 19.30
N LYS A 79 -15.75 10.85 19.58
CA LYS A 79 -16.79 11.77 20.08
C LYS A 79 -17.90 11.96 19.06
N VAL A 80 -17.56 12.11 17.79
CA VAL A 80 -18.56 12.23 16.73
C VAL A 80 -19.44 10.97 16.65
N LEU A 81 -18.84 9.79 16.77
CA LEU A 81 -19.62 8.60 16.77
C LEU A 81 -20.51 8.46 17.98
N LYS A 82 -20.00 8.77 19.14
CA LYS A 82 -20.79 8.66 20.37
C LYS A 82 -21.95 9.58 20.33
N GLN A 83 -21.80 10.76 19.77
CA GLN A 83 -22.92 11.68 19.73
C GLN A 83 -23.79 11.60 18.48
N ALA A 84 -23.49 10.67 17.60
CA ALA A 84 -24.23 10.60 16.36
C ALA A 84 -25.67 10.27 16.67
N PHE A 85 -26.60 11.05 16.11
CA PHE A 85 -28.02 10.88 16.45
C PHE A 85 -28.74 9.76 15.66
N GLY A 86 -29.69 9.15 16.33
CA GLY A 86 -30.56 8.20 15.66
C GLY A 86 -29.86 6.89 15.68
N GLU A 87 -30.34 5.95 14.88
CA GLU A 87 -29.91 4.56 15.02
C GLU A 87 -28.93 4.13 13.92
N LYS A 88 -28.84 4.91 12.84
CA LYS A 88 -28.01 4.59 11.70
C LYS A 88 -26.86 5.60 11.55
N ILE A 89 -25.68 5.10 11.19
CA ILE A 89 -24.51 5.99 10.97
C ILE A 89 -24.00 5.64 9.59
N THR A 90 -23.87 6.62 8.70
CA THR A 90 -23.19 6.35 7.40
C THR A 90 -21.71 6.68 7.44
N MET A 91 -20.92 5.88 6.73
CA MET A 91 -19.48 6.09 6.61
C MET A 91 -19.09 5.81 5.18
N THR A 92 -18.20 6.62 4.64
CA THR A 92 -17.60 6.34 3.38
C THR A 92 -16.24 5.78 3.69
N ILE A 93 -15.89 4.68 3.03
CA ILE A 93 -14.78 3.83 3.37
C ILE A 93 -13.88 3.60 2.15
N ARG A 94 -12.58 3.67 2.37
CA ARG A 94 -11.64 3.19 1.36
C ARG A 94 -11.00 1.91 1.92
N ASP A 95 -11.15 0.84 1.15
CA ASP A 95 -10.79 -0.50 1.52
C ASP A 95 -9.29 -0.73 1.71
N ARG A 96 -8.92 -1.11 2.91
CA ARG A 96 -7.53 -1.48 3.32
C ARG A 96 -6.41 -0.81 2.47
N PRO A 97 -6.28 0.51 2.53
CA PRO A 97 -5.32 1.10 1.58
C PRO A 97 -3.84 0.77 1.78
N PHE A 98 -3.42 0.39 2.99
CA PHE A 98 -2.05 0.13 3.26
C PHE A 98 -1.70 -1.33 3.06
N GLU A 99 -2.66 -2.14 2.68
CA GLU A 99 -2.45 -3.56 2.61
C GLU A 99 -2.35 -4.01 1.19
N ARG A 100 -1.82 -5.19 1.00
CA ARG A 100 -1.73 -5.83 -0.29
C ARG A 100 -1.86 -7.35 -0.13
N THR A 101 -2.21 -7.99 -1.24
CA THR A 101 -2.51 -9.42 -1.34
C THR A 101 -1.36 -10.20 -2.00
N VAL A 102 -0.88 -11.24 -1.34
CA VAL A 102 0.10 -12.17 -1.96
C VAL A 102 -0.43 -13.58 -1.87
N THR A 103 -0.46 -14.26 -3.02
CA THR A 103 -0.96 -15.61 -3.14
C THR A 103 0.19 -16.57 -3.39
N MET A 104 0.26 -17.62 -2.59
CA MET A 104 1.31 -18.62 -2.63
C MET A 104 0.71 -20.04 -2.68
N HIS A 105 1.56 -21.03 -2.95
CA HIS A 105 1.15 -22.45 -2.92
C HIS A 105 2.08 -23.25 -2.08
N LYS A 106 1.52 -24.18 -1.31
CA LYS A 106 2.32 -25.02 -0.43
C LYS A 106 3.14 -26.03 -1.25
N ASP A 107 4.43 -26.14 -0.94
CA ASP A 107 5.29 -27.19 -1.57
C ASP A 107 4.87 -28.55 -1.11
N SER A 108 5.24 -29.56 -1.86
CA SER A 108 4.97 -30.94 -1.46
C SER A 108 5.82 -31.17 -0.23
N SER A 109 5.26 -30.78 0.93
CA SER A 109 5.94 -30.64 2.24
C SER A 109 5.10 -29.69 3.12
N GLY A 110 4.29 -28.86 2.46
CA GLY A 110 3.25 -28.05 3.10
C GLY A 110 3.69 -26.71 3.70
N HIS A 111 4.69 -26.04 3.14
CA HIS A 111 5.25 -24.87 3.86
C HIS A 111 5.02 -23.45 3.34
N VAL A 112 4.92 -23.28 2.02
CA VAL A 112 4.76 -21.94 1.41
C VAL A 112 6.04 -21.11 1.35
N GLY A 113 6.68 -20.90 2.51
CA GLY A 113 8.04 -20.42 2.54
C GLY A 113 8.40 -19.13 3.24
N PHE A 114 7.83 -18.87 4.39
CA PHE A 114 8.34 -17.77 5.20
C PHE A 114 8.33 -18.06 6.69
N ILE A 115 9.12 -17.34 7.44
CA ILE A 115 9.15 -17.38 8.88
C ILE A 115 8.52 -16.07 9.35
N PHE A 116 7.80 -16.13 10.48
CA PHE A 116 7.30 -14.90 11.07
C PHE A 116 7.46 -14.89 12.60
N LYS A 117 7.49 -13.71 13.18
CA LYS A 117 7.65 -13.54 14.64
C LYS A 117 6.76 -12.39 15.12
N SER A 118 6.03 -12.59 16.23
CA SER A 118 4.98 -11.64 16.65
C SER A 118 4.15 -11.06 15.46
N GLY A 119 3.55 -11.92 14.66
CA GLY A 119 2.75 -11.52 13.55
C GLY A 119 3.48 -10.90 12.32
N LYS A 120 4.81 -10.70 12.41
CA LYS A 120 5.57 -10.04 11.35
C LYS A 120 6.44 -11.01 10.59
N ILE A 121 6.37 -10.94 9.25
CA ILE A 121 7.21 -11.76 8.35
C ILE A 121 8.68 -11.37 8.49
N THR A 122 9.51 -12.31 8.89
CA THR A 122 10.90 -12.03 9.21
C THR A 122 11.93 -12.72 8.28
N SER A 123 11.53 -13.79 7.60
CA SER A 123 12.41 -14.39 6.64
C SER A 123 11.62 -14.96 5.43
N ILE A 124 12.21 -14.98 4.25
CA ILE A 124 11.63 -15.67 3.09
C ILE A 124 12.60 -16.81 2.72
N VAL A 125 12.02 -17.98 2.55
CA VAL A 125 12.77 -19.19 2.20
C VAL A 125 13.12 -19.21 0.72
N LYS A 126 14.42 -19.33 0.44
CA LYS A 126 14.93 -19.48 -0.95
C LYS A 126 14.19 -20.51 -1.79
N ASP A 127 13.87 -20.12 -3.02
CA ASP A 127 13.16 -20.95 -3.99
C ASP A 127 11.77 -21.48 -3.60
N SER A 128 11.13 -20.84 -2.63
CA SER A 128 9.78 -21.19 -2.23
C SER A 128 8.73 -20.44 -3.06
N SER A 129 7.47 -20.77 -2.85
CA SER A 129 6.39 -20.02 -3.43
C SER A 129 6.40 -18.57 -2.94
N ALA A 130 6.75 -18.35 -1.68
CA ALA A 130 6.88 -16.97 -1.14
C ALA A 130 7.89 -16.17 -1.91
N ALA A 131 9.03 -16.75 -2.19
CA ALA A 131 10.08 -16.09 -2.98
C ALA A 131 9.61 -15.85 -4.44
N ARG A 132 9.02 -16.84 -5.09
CA ARG A 132 8.49 -16.61 -6.42
C ARG A 132 7.46 -15.50 -6.51
N ASN A 133 6.64 -15.35 -5.48
CA ASN A 133 5.59 -14.35 -5.47
C ASN A 133 6.04 -13.03 -4.87
N GLY A 134 7.31 -12.94 -4.52
CA GLY A 134 7.88 -11.69 -4.06
C GLY A 134 7.36 -11.20 -2.72
N LEU A 135 7.11 -12.13 -1.80
CA LEU A 135 6.73 -11.80 -0.44
C LEU A 135 7.88 -11.02 0.21
N LEU A 136 7.57 -9.98 0.97
CA LEU A 136 8.51 -9.15 1.64
C LEU A 136 8.58 -9.34 3.18
N THR A 137 9.76 -9.13 3.74
CA THR A 137 9.91 -9.09 5.16
C THR A 137 9.51 -7.69 5.74
N ASP A 138 9.51 -7.60 7.05
CA ASP A 138 9.11 -6.41 7.79
C ASP A 138 7.69 -6.01 7.38
N HIS A 139 6.84 -7.00 7.16
CA HIS A 139 5.44 -6.80 6.89
C HIS A 139 4.57 -7.67 7.84
N HIS A 140 3.52 -7.08 8.45
CA HIS A 140 2.65 -7.89 9.31
C HIS A 140 1.62 -8.57 8.50
N ILE A 141 1.31 -9.78 8.91
CA ILE A 141 0.23 -10.52 8.31
C ILE A 141 -1.07 -10.08 9.04
N CYS A 142 -2.01 -9.64 8.23
CA CYS A 142 -3.26 -9.03 8.65
C CYS A 142 -4.33 -10.09 8.57
N GLU A 143 -4.43 -10.76 7.45
CA GLU A 143 -5.45 -11.78 7.25
C GLU A 143 -4.84 -12.96 6.53
N ILE A 144 -5.38 -14.15 6.78
CA ILE A 144 -4.97 -15.35 6.05
C ILE A 144 -6.15 -16.03 5.39
N ASN A 145 -6.18 -16.02 4.07
CA ASN A 145 -7.21 -16.75 3.32
C ASN A 145 -8.60 -16.48 3.88
N GLY A 146 -8.93 -15.20 4.02
CA GLY A 146 -10.19 -14.78 4.56
C GLY A 146 -10.29 -14.94 6.08
N GLN A 147 -9.46 -14.20 6.83
CA GLN A 147 -9.66 -14.07 8.30
C GLN A 147 -8.59 -13.30 9.02
N ASN A 148 -9.03 -12.34 9.81
CA ASN A 148 -8.17 -11.51 10.60
C ASN A 148 -7.32 -12.40 11.52
N VAL A 149 -6.03 -12.09 11.57
CA VAL A 149 -5.12 -12.82 12.43
C VAL A 149 -4.52 -11.83 13.39
N ILE A 150 -4.99 -10.58 13.33
CA ILE A 150 -4.48 -9.52 14.20
C ILE A 150 -4.81 -9.80 15.66
N GLY A 151 -3.86 -9.54 16.56
CA GLY A 151 -4.00 -9.86 17.98
C GLY A 151 -3.78 -11.32 18.38
N LEU A 152 -3.66 -12.23 17.42
CA LEU A 152 -3.47 -13.64 17.75
C LEU A 152 -2.01 -14.00 18.06
N LYS A 153 -1.84 -15.15 18.70
CA LYS A 153 -0.51 -15.65 19.07
C LYS A 153 0.12 -16.29 17.86
N ASP A 154 1.45 -16.23 17.83
CA ASP A 154 2.20 -16.86 16.72
C ASP A 154 1.72 -18.29 16.55
N ALA A 155 1.51 -19.00 17.68
CA ALA A 155 1.13 -20.43 17.63
C ALA A 155 -0.21 -20.59 16.98
N GLN A 156 -1.13 -19.67 17.25
CA GLN A 156 -2.43 -19.73 16.59
C GLN A 156 -2.32 -19.40 15.09
N ILE A 157 -1.52 -18.38 14.79
CA ILE A 157 -1.21 -18.06 13.38
C ILE A 157 -0.65 -19.26 12.64
N ALA A 158 0.33 -19.92 13.26
CA ALA A 158 0.93 -21.10 12.63
C ALA A 158 -0.12 -22.15 12.36
N ASP A 159 -1.00 -22.34 13.33
CA ASP A 159 -2.04 -23.37 13.17
C ASP A 159 -3.01 -23.05 12.07
N ILE A 160 -3.38 -21.79 11.93
CA ILE A 160 -4.27 -21.39 10.84
C ILE A 160 -3.56 -21.61 9.50
N LEU A 161 -2.27 -21.27 9.41
CA LEU A 161 -1.49 -21.57 8.23
C LEU A 161 -1.45 -23.07 8.01
N SER A 162 -1.19 -23.83 9.06
CA SER A 162 -1.04 -25.26 8.90
C SER A 162 -2.40 -25.93 8.59
N THR A 163 -3.52 -25.42 9.13
CA THR A 163 -4.87 -25.87 8.63
C THR A 163 -4.83 -25.51 7.16
N ALA A 164 -4.41 -26.49 6.38
CA ALA A 164 -3.96 -26.17 5.06
C ALA A 164 -5.11 -25.62 4.22
N GLY A 165 -4.73 -25.01 3.10
CA GLY A 165 -5.65 -24.72 2.01
C GLY A 165 -4.99 -25.07 0.70
N THR A 166 -3.68 -25.39 0.75
CA THR A 166 -2.81 -25.52 -0.42
C THR A 166 -2.52 -24.14 -0.98
N VAL A 167 -3.56 -23.50 -1.49
CA VAL A 167 -3.46 -22.12 -1.92
C VAL A 167 -3.61 -21.28 -0.65
N VAL A 168 -2.59 -20.44 -0.38
CA VAL A 168 -2.61 -19.55 0.76
C VAL A 168 -2.55 -18.10 0.24
N THR A 169 -3.53 -17.30 0.63
CA THR A 169 -3.51 -15.91 0.31
C THR A 169 -3.39 -15.19 1.61
N ILE A 170 -2.35 -14.36 1.70
CA ILE A 170 -2.15 -13.55 2.86
C ILE A 170 -2.26 -12.08 2.48
N THR A 171 -2.82 -11.28 3.37
CA THR A 171 -2.81 -9.84 3.18
C THR A 171 -1.83 -9.28 4.21
N ILE A 172 -1.00 -8.35 3.74
CA ILE A 172 0.11 -7.86 4.48
C ILE A 172 0.12 -6.34 4.48
N MET A 173 0.64 -5.79 5.56
CA MET A 173 0.93 -4.36 5.65
C MET A 173 2.35 -4.16 6.06
N PRO A 174 3.02 -3.09 5.54
CA PRO A 174 4.34 -2.77 6.06
C PRO A 174 4.37 -2.51 7.57
N ALA A 175 5.40 -3.02 8.24
CA ALA A 175 5.42 -3.01 9.71
C ALA A 175 5.31 -1.61 10.28
N PHE A 176 5.98 -0.65 9.65
CA PHE A 176 5.97 0.75 10.12
C PHE A 176 4.54 1.28 10.22
N ILE A 177 3.78 1.07 9.16
CA ILE A 177 2.42 1.52 9.10
C ILE A 177 1.60 0.79 10.10
N PHE A 178 1.74 -0.54 10.12
CA PHE A 178 0.97 -1.38 11.02
C PHE A 178 1.16 -0.88 12.45
N GLU A 179 2.40 -0.62 12.81
CA GLU A 179 2.73 -0.21 14.17
C GLU A 179 2.15 1.16 14.52
N HIS A 180 1.94 2.03 13.54
CA HIS A 180 1.31 3.31 13.80
C HIS A 180 -0.21 3.12 13.94
N ILE A 181 -0.85 2.29 13.13
CA ILE A 181 -2.30 2.11 13.28
C ILE A 181 -2.62 1.56 14.68
N ILE A 182 -1.86 0.52 15.12
CA ILE A 182 -2.05 -0.03 16.44
C ILE A 182 -1.47 0.91 17.49
N GLN B 13 -3.83 -5.84 -8.98
CA GLN B 13 -2.76 -5.54 -9.98
C GLN B 13 -2.18 -6.89 -10.45
N GLY B 14 -1.73 -7.72 -9.51
CA GLY B 14 -1.07 -8.98 -9.80
C GLY B 14 0.34 -8.77 -10.31
N ILE B 15 0.73 -9.56 -11.32
CA ILE B 15 2.13 -9.59 -11.81
C ILE B 15 2.15 -9.32 -13.30
N ARG B 16 3.32 -9.02 -13.85
CA ARG B 16 3.43 -8.90 -15.30
C ARG B 16 4.84 -9.17 -15.83
N GLU B 17 4.92 -9.63 -17.09
CA GLU B 17 6.20 -9.97 -17.65
C GLU B 17 6.54 -8.90 -18.64
N VAL B 18 7.75 -8.35 -18.57
CA VAL B 18 8.17 -7.37 -19.54
C VAL B 18 9.36 -7.96 -20.25
N ILE B 19 9.47 -7.61 -21.53
CA ILE B 19 10.57 -8.05 -22.36
C ILE B 19 11.40 -6.83 -22.72
N LEU B 20 12.67 -6.91 -22.40
CA LEU B 20 13.53 -5.80 -22.56
C LEU B 20 14.67 -6.21 -23.50
N CYS B 21 15.16 -5.35 -24.40
CA CYS B 21 16.33 -5.32 -25.28
C CYS B 21 17.24 -4.18 -24.84
N LYS B 22 18.39 -4.55 -24.55
CA LYS B 22 19.41 -3.54 -24.32
C LYS B 22 19.50 -2.61 -25.54
N ASP B 23 19.93 -1.38 -25.32
CA ASP B 23 19.93 -0.44 -26.41
C ASP B 23 21.19 -0.68 -27.26
N GLN B 24 21.48 0.24 -28.15
CA GLN B 24 22.58 0.07 -29.08
C GLN B 24 23.92 0.03 -28.32
N ASP B 25 23.99 0.72 -27.16
CA ASP B 25 25.18 0.75 -26.31
C ASP B 25 25.17 -0.38 -25.26
N GLY B 26 24.18 -1.26 -25.31
CA GLY B 26 24.13 -2.40 -24.40
C GLY B 26 23.60 -2.07 -22.99
N LYS B 27 22.89 -0.97 -22.90
CA LYS B 27 22.35 -0.42 -21.66
C LYS B 27 20.87 -0.61 -21.51
N ILE B 28 20.43 -0.62 -20.25
CA ILE B 28 19.07 -0.87 -19.86
C ILE B 28 18.37 0.39 -19.29
N GLY B 29 19.10 1.15 -18.49
CA GLY B 29 18.58 2.35 -17.91
C GLY B 29 17.93 2.16 -16.54
N LEU B 30 18.47 1.23 -15.75
CA LEU B 30 17.89 0.91 -14.45
C LEU B 30 18.93 1.01 -13.38
N ARG B 31 18.48 1.50 -12.22
CA ARG B 31 19.14 1.28 -10.96
C ARG B 31 18.16 0.62 -9.96
N LEU B 32 18.62 -0.43 -9.28
CA LEU B 32 17.83 -1.28 -8.42
C LEU B 32 18.32 -1.22 -7.00
N LYS B 33 17.41 -1.51 -6.05
CA LYS B 33 17.74 -1.44 -4.62
C LYS B 33 17.08 -2.62 -3.89
N SER B 34 17.78 -3.21 -2.91
CA SER B 34 17.24 -4.23 -2.07
C SER B 34 16.39 -3.59 -1.00
N VAL B 35 15.14 -4.01 -0.85
CA VAL B 35 14.26 -3.46 0.25
C VAL B 35 13.39 -4.61 0.73
N ASP B 36 13.41 -4.87 2.04
CA ASP B 36 12.56 -5.92 2.63
C ASP B 36 12.67 -7.27 1.93
N ASN B 37 13.89 -7.62 1.60
CA ASN B 37 14.28 -8.83 0.85
C ASN B 37 13.67 -8.97 -0.52
N GLY B 38 13.31 -7.87 -1.12
CA GLY B 38 12.87 -7.79 -2.49
C GLY B 38 13.83 -6.87 -3.24
N ILE B 39 13.62 -6.75 -4.55
CA ILE B 39 14.39 -5.83 -5.36
C ILE B 39 13.41 -4.83 -6.00
N PHE B 40 13.69 -3.56 -5.78
CA PHE B 40 12.93 -2.44 -6.29
C PHE B 40 13.68 -1.58 -7.28
N VAL B 41 12.94 -1.01 -8.21
CA VAL B 41 13.46 0.00 -9.14
C VAL B 41 13.63 1.33 -8.39
N GLN B 42 14.84 1.80 -8.34
CA GLN B 42 15.20 3.03 -7.62
C GLN B 42 15.30 4.21 -8.58
N LEU B 43 15.60 3.90 -9.83
CA LEU B 43 15.75 4.92 -10.90
C LEU B 43 15.51 4.28 -12.23
N VAL B 44 14.72 4.99 -13.06
CA VAL B 44 14.53 4.63 -14.44
C VAL B 44 15.00 5.82 -15.23
N GLN B 45 15.98 5.63 -16.11
CA GLN B 45 16.47 6.70 -16.94
C GLN B 45 15.48 7.01 -18.05
N ALA B 46 15.17 8.31 -18.13
CA ALA B 46 14.38 8.85 -19.23
C ALA B 46 14.78 8.23 -20.59
N ASN B 47 13.77 7.78 -21.33
CA ASN B 47 13.98 7.28 -22.70
C ASN B 47 15.02 6.18 -22.74
N SER B 48 14.95 5.25 -21.80
CA SER B 48 15.80 4.05 -21.85
C SER B 48 14.89 2.92 -22.23
N PRO B 49 15.47 1.75 -22.57
CA PRO B 49 14.63 0.53 -22.78
C PRO B 49 13.74 0.25 -21.56
N ALA B 50 14.24 0.52 -20.37
CA ALA B 50 13.49 0.32 -19.12
C ALA B 50 12.21 1.17 -19.12
N SER B 51 12.39 2.44 -19.43
CA SER B 51 11.31 3.38 -19.58
C SER B 51 10.31 2.89 -20.66
N LEU B 52 10.82 2.51 -21.85
CA LEU B 52 9.99 2.14 -22.96
C LEU B 52 9.06 0.97 -22.65
N VAL B 53 9.50 0.01 -21.84
CA VAL B 53 8.65 -1.16 -21.59
C VAL B 53 7.76 -0.94 -20.34
N GLY B 54 7.86 0.24 -19.76
CA GLY B 54 6.88 0.63 -18.75
C GLY B 54 7.36 0.50 -17.31
N LEU B 55 8.67 0.36 -17.07
CA LEU B 55 9.16 0.29 -15.66
C LEU B 55 9.13 1.69 -15.03
N ARG B 56 8.82 1.72 -13.73
CA ARG B 56 8.64 2.94 -12.99
C ARG B 56 9.35 2.89 -11.61
N PHE B 57 9.69 4.03 -11.09
CA PHE B 57 10.15 4.11 -9.71
C PHE B 57 9.25 3.30 -8.80
N GLY B 58 9.82 2.42 -8.00
CA GLY B 58 9.08 1.73 -6.97
C GLY B 58 8.46 0.43 -7.43
N ASP B 59 8.61 0.10 -8.70
CA ASP B 59 8.30 -1.24 -9.19
C ASP B 59 9.12 -2.30 -8.47
N GLN B 60 8.52 -3.44 -8.22
CA GLN B 60 9.22 -4.57 -7.68
C GLN B 60 9.55 -5.58 -8.80
N VAL B 61 10.77 -6.08 -8.75
CA VAL B 61 11.28 -7.10 -9.63
C VAL B 61 11.33 -8.45 -8.97
N LEU B 62 10.44 -9.33 -9.34
CA LEU B 62 10.33 -10.65 -8.72
C LEU B 62 11.29 -11.67 -9.35
N GLN B 63 11.47 -11.60 -10.69
CA GLN B 63 12.44 -12.45 -11.39
C GLN B 63 13.15 -11.72 -12.45
N ILE B 64 14.38 -12.15 -12.71
CA ILE B 64 15.14 -11.73 -13.91
C ILE B 64 15.57 -13.01 -14.70
N ASN B 65 15.17 -13.12 -15.94
CA ASN B 65 15.50 -14.27 -16.75
C ASN B 65 15.10 -15.54 -16.03
N GLY B 66 13.97 -15.51 -15.34
CA GLY B 66 13.50 -16.67 -14.59
C GLY B 66 14.13 -17.02 -13.25
N GLU B 67 15.12 -16.25 -12.80
CA GLU B 67 15.65 -16.44 -11.46
C GLU B 67 15.02 -15.46 -10.44
N ASN B 68 14.60 -15.99 -9.28
CA ASN B 68 13.98 -15.21 -8.24
C ASN B 68 14.97 -14.18 -7.74
N CYS B 69 14.53 -12.96 -7.59
CA CYS B 69 15.36 -11.92 -6.97
C CYS B 69 15.30 -11.90 -5.42
N ALA B 70 14.45 -12.69 -4.83
CA ALA B 70 14.30 -12.71 -3.36
C ALA B 70 15.63 -12.85 -2.66
N GLY B 71 15.92 -11.89 -1.81
CA GLY B 71 17.14 -11.91 -1.03
C GLY B 71 18.38 -11.37 -1.72
N TRP B 72 18.32 -11.07 -3.02
CA TRP B 72 19.48 -10.53 -3.72
C TRP B 72 19.90 -9.13 -3.24
N SER B 73 21.20 -8.86 -3.22
CA SER B 73 21.65 -7.50 -2.92
C SER B 73 21.44 -6.67 -4.21
N SER B 74 21.39 -5.36 -4.06
CA SER B 74 21.49 -4.45 -5.22
C SER B 74 22.65 -4.86 -6.15
N ASP B 75 23.82 -5.08 -5.56
CA ASP B 75 25.00 -5.39 -6.37
C ASP B 75 24.76 -6.63 -7.20
N LYS B 76 24.16 -7.64 -6.60
CA LYS B 76 23.89 -8.86 -7.34
C LYS B 76 22.91 -8.71 -8.51
N ALA B 77 21.80 -8.00 -8.32
CA ALA B 77 20.86 -7.80 -9.42
C ALA B 77 21.52 -7.05 -10.57
N HIS B 78 22.37 -6.09 -10.24
CA HIS B 78 22.97 -5.32 -11.30
C HIS B 78 23.88 -6.25 -12.16
N LYS B 79 24.69 -7.07 -11.51
CA LYS B 79 25.66 -7.81 -12.31
C LYS B 79 24.93 -8.77 -13.23
N VAL B 80 23.87 -9.39 -12.73
CA VAL B 80 23.04 -10.33 -13.50
C VAL B 80 22.50 -9.68 -14.76
N LEU B 81 22.04 -8.45 -14.65
CA LEU B 81 21.60 -7.72 -15.84
C LEU B 81 22.79 -7.34 -16.77
N LYS B 82 23.89 -6.87 -16.21
CA LYS B 82 25.10 -6.61 -17.02
C LYS B 82 25.52 -7.87 -17.76
N GLN B 83 25.62 -8.96 -17.01
CA GLN B 83 26.00 -10.27 -17.53
C GLN B 83 24.96 -10.88 -18.45
N ALA B 84 23.70 -10.48 -18.29
CA ALA B 84 22.60 -11.02 -19.10
C ALA B 84 23.00 -11.20 -20.56
N PHE B 85 23.21 -12.46 -20.95
CA PHE B 85 23.64 -12.83 -22.31
C PHE B 85 23.43 -11.74 -23.37
N ILE B 89 16.08 -9.80 -22.34
CA ILE B 89 15.92 -9.89 -20.90
C ILE B 89 14.46 -9.85 -20.44
N THR B 90 14.00 -10.91 -19.81
CA THR B 90 12.69 -10.88 -19.26
C THR B 90 12.73 -10.60 -17.73
N MET B 91 11.82 -9.75 -17.32
CA MET B 91 11.63 -9.38 -15.91
C MET B 91 10.19 -9.61 -15.63
N THR B 92 9.94 -10.21 -14.48
CA THR B 92 8.61 -10.34 -13.97
C THR B 92 8.51 -9.28 -12.87
N ILE B 93 7.48 -8.44 -12.97
CA ILE B 93 7.37 -7.30 -12.09
C ILE B 93 5.99 -7.07 -11.45
N ARG B 94 6.04 -6.60 -10.19
CA ARG B 94 4.85 -6.11 -9.49
C ARG B 94 4.80 -4.57 -9.57
N ASP B 95 3.64 -4.00 -9.95
CA ASP B 95 3.55 -2.61 -10.26
C ASP B 95 3.50 -1.79 -8.96
N ARG B 96 4.49 -0.93 -8.75
CA ARG B 96 4.47 0.09 -7.68
C ARG B 96 3.77 -0.38 -6.42
N PRO B 97 4.27 -1.44 -5.79
CA PRO B 97 3.43 -1.93 -4.67
C PRO B 97 3.41 -1.10 -3.35
N PHE B 98 4.33 -0.16 -3.16
CA PHE B 98 4.25 0.71 -2.02
C PHE B 98 3.33 1.91 -2.29
N GLU B 99 2.73 1.98 -3.45
CA GLU B 99 2.09 3.22 -3.90
C GLU B 99 0.60 3.07 -4.06
N ARG B 100 -0.13 4.18 -3.99
CA ARG B 100 -1.52 4.16 -4.37
C ARG B 100 -1.93 5.43 -5.03
N THR B 101 -3.09 5.41 -5.62
CA THR B 101 -3.58 6.46 -6.46
C THR B 101 -4.79 7.11 -5.86
N VAL B 102 -4.81 8.43 -5.87
CA VAL B 102 -5.95 9.23 -5.43
C VAL B 102 -6.35 10.24 -6.54
N THR B 103 -7.64 10.32 -6.79
CA THR B 103 -8.18 11.16 -7.87
C THR B 103 -8.95 12.24 -7.22
N MET B 104 -8.60 13.49 -7.58
CA MET B 104 -9.33 14.64 -7.10
C MET B 104 -9.79 15.51 -8.27
N HIS B 105 -10.63 16.47 -7.96
CA HIS B 105 -11.25 17.34 -8.98
C HIS B 105 -10.94 18.73 -8.54
N LYS B 106 -10.38 19.51 -9.43
CA LYS B 106 -10.06 20.91 -9.06
C LYS B 106 -11.32 21.70 -8.62
N ASP B 107 -11.12 22.57 -7.65
CA ASP B 107 -11.98 23.68 -7.18
C ASP B 107 -12.54 24.63 -8.27
N SER B 108 -13.40 25.56 -7.85
CA SER B 108 -13.79 26.77 -8.63
C SER B 108 -12.55 27.59 -9.01
N SER B 109 -11.61 27.67 -8.08
CA SER B 109 -10.38 28.45 -8.26
C SER B 109 -9.21 27.67 -8.86
N GLY B 110 -9.42 26.40 -9.17
CA GLY B 110 -8.42 25.51 -9.77
C GLY B 110 -7.42 24.92 -8.78
N HIS B 111 -7.86 24.21 -7.73
CA HIS B 111 -6.94 23.94 -6.61
C HIS B 111 -6.60 22.52 -6.14
N VAL B 112 -7.62 21.71 -6.01
CA VAL B 112 -7.47 20.30 -5.60
C VAL B 112 -7.46 20.21 -4.09
N GLY B 113 -6.64 21.04 -3.44
CA GLY B 113 -6.72 21.22 -2.00
C GLY B 113 -5.64 20.58 -1.16
N PHE B 114 -4.37 20.72 -1.54
CA PHE B 114 -3.29 20.35 -0.67
C PHE B 114 -2.05 21.21 -0.86
N ILE B 115 -1.21 21.19 0.17
CA ILE B 115 0.06 21.94 0.20
C ILE B 115 1.16 20.93 0.21
N PHE B 116 2.25 21.18 -0.53
CA PHE B 116 3.37 20.26 -0.46
C PHE B 116 4.70 21.03 -0.37
N LYS B 117 5.74 20.31 0.01
CA LYS B 117 7.11 20.89 0.09
C LYS B 117 8.05 19.78 -0.22
N SER B 118 8.93 20.04 -1.18
CA SER B 118 9.93 19.08 -1.66
C SER B 118 9.26 17.77 -2.02
N GLY B 119 8.18 17.84 -2.82
CA GLY B 119 7.50 16.63 -3.25
C GLY B 119 6.62 15.95 -2.21
N LYS B 120 6.69 16.37 -0.96
CA LYS B 120 5.90 15.77 0.13
C LYS B 120 4.65 16.60 0.53
N ILE B 121 3.50 15.94 0.53
CA ILE B 121 2.22 16.56 0.93
C ILE B 121 2.30 16.87 2.43
N THR B 122 2.13 18.15 2.79
CA THR B 122 2.27 18.54 4.15
C THR B 122 1.00 18.95 4.78
N SER B 123 0.01 19.34 3.98
CA SER B 123 -1.31 19.61 4.58
C SER B 123 -2.44 19.50 3.61
N ILE B 124 -3.62 19.20 4.17
CA ILE B 124 -4.85 18.97 3.38
C ILE B 124 -5.81 20.12 3.66
N VAL B 125 -6.35 20.73 2.61
CA VAL B 125 -7.14 21.94 2.76
C VAL B 125 -8.54 21.46 3.11
N LYS B 126 -9.06 21.98 4.22
CA LYS B 126 -10.40 21.66 4.68
C LYS B 126 -11.41 21.89 3.56
N ASP B 127 -12.42 21.01 3.49
CA ASP B 127 -13.53 21.17 2.56
C ASP B 127 -13.17 21.09 1.08
N SER B 128 -12.06 20.44 0.79
CA SER B 128 -11.59 20.31 -0.57
C SER B 128 -11.86 18.92 -1.08
N SER B 129 -11.62 18.74 -2.39
CA SER B 129 -11.57 17.41 -2.99
C SER B 129 -10.46 16.49 -2.42
N ALA B 130 -9.29 17.03 -2.11
CA ALA B 130 -8.29 16.23 -1.45
C ALA B 130 -8.83 15.73 -0.08
N ALA B 131 -9.51 16.60 0.67
CA ALA B 131 -10.10 16.15 1.92
C ALA B 131 -11.17 15.09 1.67
N ARG B 132 -12.05 15.32 0.68
CA ARG B 132 -13.18 14.45 0.43
C ARG B 132 -12.67 13.05 0.04
N ASN B 133 -11.53 13.00 -0.66
CA ASN B 133 -10.97 11.74 -1.10
C ASN B 133 -9.89 11.14 -0.14
N GLY B 134 -9.73 11.71 1.03
CA GLY B 134 -8.85 11.13 2.04
C GLY B 134 -7.38 11.14 1.72
N LEU B 135 -6.92 12.20 1.03
CA LEU B 135 -5.53 12.38 0.74
C LEU B 135 -4.76 12.51 2.05
N LEU B 136 -3.63 11.85 2.13
CA LEU B 136 -2.87 11.80 3.40
C LEU B 136 -1.65 12.71 3.39
N THR B 137 -1.23 13.18 4.59
CA THR B 137 0.01 13.89 4.68
C THR B 137 1.23 12.95 4.82
N ASP B 138 2.40 13.56 4.85
CA ASP B 138 3.67 12.82 4.89
C ASP B 138 3.72 11.73 3.85
N HIS B 139 3.16 12.00 2.69
CA HIS B 139 3.27 11.15 1.52
C HIS B 139 3.94 11.92 0.39
N HIS B 140 4.82 11.21 -0.29
CA HIS B 140 5.52 11.75 -1.46
C HIS B 140 4.73 11.62 -2.76
N ILE B 141 4.73 12.68 -3.56
CA ILE B 141 4.04 12.62 -4.82
C ILE B 141 4.98 11.97 -5.85
N CYS B 142 4.56 10.87 -6.45
CA CYS B 142 5.39 10.07 -7.36
C CYS B 142 5.06 10.34 -8.83
N GLU B 143 3.79 10.60 -9.09
CA GLU B 143 3.29 10.80 -10.43
C GLU B 143 2.05 11.63 -10.38
N ILE B 144 1.76 12.33 -11.51
CA ILE B 144 0.48 13.08 -11.70
C ILE B 144 -0.34 12.61 -12.94
N ASN B 145 0.21 12.66 -14.14
CA ASN B 145 -0.49 12.04 -15.31
C ASN B 145 -1.88 12.58 -15.57
N GLN B 147 2.27 11.85 -16.21
CA GLN B 147 3.62 12.25 -15.86
C GLN B 147 4.21 11.31 -14.85
N ASN B 148 5.53 11.37 -14.74
CA ASN B 148 6.28 11.00 -13.57
C ASN B 148 6.61 12.33 -12.94
N VAL B 149 7.01 12.31 -11.67
CA VAL B 149 7.30 13.56 -11.00
C VAL B 149 8.48 13.51 -10.04
N ILE B 150 9.09 12.34 -9.89
CA ILE B 150 10.25 12.15 -9.01
C ILE B 150 11.46 12.93 -9.51
N GLY B 151 12.09 13.69 -8.63
CA GLY B 151 13.28 14.43 -8.98
C GLY B 151 13.04 15.90 -9.28
N LEU B 152 11.77 16.25 -9.54
CA LEU B 152 11.40 17.61 -9.98
C LEU B 152 11.28 18.61 -8.85
N LYS B 153 11.56 19.88 -9.20
CA LYS B 153 11.45 20.98 -8.28
C LYS B 153 9.96 21.24 -8.00
N ASP B 154 9.67 21.82 -6.84
CA ASP B 154 8.28 22.01 -6.43
C ASP B 154 7.55 22.91 -7.40
N ALA B 155 8.21 24.00 -7.77
CA ALA B 155 7.64 24.91 -8.75
C ALA B 155 7.38 24.18 -10.02
N GLN B 156 8.16 23.17 -10.37
CA GLN B 156 7.83 22.32 -11.54
C GLN B 156 6.60 21.39 -11.32
N ILE B 157 6.54 20.76 -10.15
CA ILE B 157 5.38 19.90 -9.82
C ILE B 157 4.13 20.81 -9.84
N ALA B 158 4.29 21.99 -9.26
CA ALA B 158 3.21 22.96 -9.24
C ALA B 158 2.75 23.32 -10.65
N ASP B 159 3.68 23.39 -11.61
CA ASP B 159 3.27 23.66 -13.02
C ASP B 159 2.42 22.56 -13.63
N ILE B 160 2.79 21.30 -13.39
CA ILE B 160 2.05 20.18 -13.94
C ILE B 160 0.65 20.20 -13.36
N LEU B 161 0.54 20.56 -12.09
CA LEU B 161 -0.75 20.57 -11.44
C LEU B 161 -1.62 21.67 -12.05
N SER B 162 -1.07 22.86 -12.16
CA SER B 162 -1.81 23.98 -12.70
C SER B 162 -2.17 23.71 -14.16
N THR B 163 -1.15 23.48 -14.99
CA THR B 163 -1.37 23.19 -16.41
C THR B 163 -2.49 22.18 -16.62
N THR B 166 -8.49 19.62 -14.49
CA THR B 166 -9.77 19.52 -13.75
C THR B 166 -9.78 18.26 -12.87
N VAL B 167 -9.44 17.13 -13.46
CA VAL B 167 -9.41 15.87 -12.75
C VAL B 167 -7.99 15.49 -12.56
N VAL B 168 -7.50 15.63 -11.34
CA VAL B 168 -6.12 15.34 -11.07
C VAL B 168 -6.01 13.95 -10.42
N THR B 169 -5.35 13.02 -11.07
CA THR B 169 -4.94 11.79 -10.39
C THR B 169 -3.53 11.87 -9.92
N ILE B 170 -3.27 11.56 -8.64
CA ILE B 170 -1.92 11.47 -8.16
C ILE B 170 -1.56 10.11 -7.59
N THR B 171 -0.32 9.73 -7.74
CA THR B 171 0.20 8.54 -7.10
C THR B 171 1.12 8.93 -5.97
N ILE B 172 0.86 8.37 -4.82
CA ILE B 172 1.60 8.74 -3.61
C ILE B 172 2.19 7.50 -2.90
N MET B 173 3.23 7.76 -2.14
CA MET B 173 3.99 6.76 -1.38
C MET B 173 4.33 7.35 -0.04
N PRO B 174 4.10 6.59 1.04
CA PRO B 174 4.46 7.05 2.38
C PRO B 174 5.94 7.44 2.45
N ALA B 175 6.20 8.52 3.15
CA ALA B 175 7.52 9.13 3.20
C ALA B 175 8.58 8.18 3.72
N PHE B 176 8.27 7.40 4.76
CA PHE B 176 9.19 6.49 5.34
C PHE B 176 9.78 5.50 4.31
N ILE B 177 8.94 4.94 3.46
CA ILE B 177 9.36 3.99 2.44
C ILE B 177 10.03 4.74 1.30
N PHE B 178 9.52 5.93 0.97
CA PHE B 178 10.10 6.71 -0.12
C PHE B 178 11.55 7.07 0.20
N GLU B 179 11.81 7.54 1.40
CA GLU B 179 13.17 7.96 1.78
C GLU B 179 14.18 6.76 1.77
N HIS B 180 13.69 5.57 2.13
CA HIS B 180 14.50 4.39 2.13
C HIS B 180 14.80 3.89 0.75
N ILE B 181 13.81 3.94 -0.14
CA ILE B 181 14.07 3.56 -1.50
C ILE B 181 15.07 4.51 -2.16
N ILE B 182 14.90 5.80 -2.07
CA ILE B 182 15.98 6.67 -2.57
C ILE B 182 17.11 6.64 -1.53
#